data_4JYI
#
_entry.id   4JYI
#
_cell.length_a   58.520
_cell.length_b   84.240
_cell.length_c   109.290
_cell.angle_alpha   90.00
_cell.angle_beta   90.00
_cell.angle_gamma   90.00
#
_symmetry.space_group_name_H-M   'P 21 21 21'
#
loop_
_entity.id
_entity.type
_entity.pdbx_description
1 polymer 'Retinoic acid receptor beta'
2 polymer 'Nuclear receptor coactivator 1'
3 non-polymer '3-chloro-4-[(E)-2-(5,5-dimethyl-8-phenyl-5,6-dihydronaphthalen-2-yl)ethenyl]benzoic acid'
4 non-polymer 'CITRATE ANION'
5 water water
#
loop_
_entity_poly.entity_id
_entity_poly.type
_entity_poly.pdbx_seq_one_letter_code
_entity_poly.pdbx_strand_id
1 'polypeptide(L)'
;MGSSHHHHHHSSGLVPRGSHMESYEMTAELDDLTEKIRKAHQETFPSLCQLGKYTTNSSADHRVRLDLGLWDKFSELATK
CIIKIVEFAKRLPGFTGLTIADQITLLKAACLDILILRICTRYTPEQDTMTFSDGLTLNRTQMHNAGFGPLTDLVFTFAN
QLLPLEMDDTETGLLSAICLICGDRQDLEEPTKVDKLQEPLLEALKIYIRKRRPSKPHMFPKILMKITDLRSISAKGAER
VITLKMEIPGSMPPLIQEMMENSEGHE
;
A,B
2 'polypeptide(L)' RHKILHRLLQEGS F,G
#
loop_
_chem_comp.id
_chem_comp.type
_chem_comp.name
_chem_comp.formula
FLC non-polymer 'CITRATE ANION' 'C6 H5 O7 -3'
JYI non-polymer '3-chloro-4-[(E)-2-(5,5-dimethyl-8-phenyl-5,6-dihydronaphthalen-2-yl)ethenyl]benzoic acid' 'C27 H23 Cl O2'
#
# COMPACT_ATOMS: atom_id res chain seq x y z
N SER A 23 37.28 5.33 0.02
CA SER A 23 36.54 4.33 0.78
C SER A 23 35.57 5.00 1.77
N TYR A 24 34.74 5.89 1.24
CA TYR A 24 33.64 6.48 1.99
C TYR A 24 32.88 5.38 2.72
N GLU A 25 32.71 5.56 4.04
CA GLU A 25 32.19 4.50 4.90
C GLU A 25 30.80 3.98 4.53
N MET A 26 29.84 4.88 4.41
CA MET A 26 28.47 4.46 4.14
C MET A 26 28.34 3.72 2.80
N THR A 27 29.08 4.18 1.79
CA THR A 27 29.11 3.51 0.50
C THR A 27 29.54 2.06 0.67
N ALA A 28 30.59 1.85 1.46
CA ALA A 28 31.11 0.51 1.71
C ALA A 28 30.09 -0.36 2.42
N GLU A 29 29.44 0.20 3.43
CA GLU A 29 28.45 -0.54 4.21
C GLU A 29 27.23 -0.90 3.37
N LEU A 30 26.74 0.06 2.60
CA LEU A 30 25.57 -0.15 1.76
C LEU A 30 25.83 -1.14 0.62
N ASP A 31 27.04 -1.12 0.07
CA ASP A 31 27.43 -2.08 -0.95
C ASP A 31 27.35 -3.49 -0.41
N ASP A 32 27.86 -3.67 0.81
CA ASP A 32 27.85 -5.00 1.38
CA ASP A 32 27.89 -4.95 1.53
C ASP A 32 26.48 -5.40 1.92
N LEU A 33 25.66 -4.42 2.30
CA LEU A 33 24.27 -4.69 2.64
C LEU A 33 23.55 -5.16 1.38
N THR A 34 23.80 -4.45 0.28
CA THR A 34 23.18 -4.79 -1.00
C THR A 34 23.53 -6.20 -1.44
N GLU A 35 24.78 -6.60 -1.23
CA GLU A 35 25.24 -7.93 -1.62
C GLU A 35 24.61 -9.03 -0.76
N LYS A 36 24.53 -8.79 0.55
CA LYS A 36 23.90 -9.76 1.45
C LYS A 36 22.47 -10.05 1.01
N ILE A 37 21.73 -8.99 0.68
CA ILE A 37 20.34 -9.14 0.32
CA ILE A 37 20.33 -9.10 0.29
C ILE A 37 20.18 -9.81 -1.05
N ARG A 38 21.04 -9.47 -1.99
CA ARG A 38 20.97 -10.10 -3.30
C ARG A 38 21.19 -11.60 -3.16
N LYS A 39 22.18 -11.97 -2.37
CA LYS A 39 22.54 -13.37 -2.18
C LYS A 39 21.47 -14.13 -1.39
N ALA A 40 20.86 -13.45 -0.42
CA ALA A 40 19.81 -14.05 0.40
C ALA A 40 18.59 -14.37 -0.45
N HIS A 41 18.25 -13.45 -1.36
CA HIS A 41 17.14 -13.66 -2.27
C HIS A 41 17.42 -14.79 -3.25
N GLN A 42 18.59 -14.74 -3.89
CA GLN A 42 18.94 -15.76 -4.88
C GLN A 42 18.94 -17.16 -4.28
N GLU A 43 19.50 -17.30 -3.08
CA GLU A 43 19.63 -18.61 -2.45
C GLU A 43 18.34 -19.10 -1.79
N THR A 44 17.31 -18.26 -1.79
CA THR A 44 16.02 -18.66 -1.25
C THR A 44 14.92 -18.57 -2.29
N PHE A 45 15.29 -18.18 -3.51
CA PHE A 45 14.31 -18.06 -4.59
C PHE A 45 14.97 -18.17 -5.97
N PRO A 46 14.95 -19.37 -6.55
CA PRO A 46 15.53 -19.64 -7.88
C PRO A 46 14.95 -18.74 -8.96
N SER A 47 15.79 -18.40 -9.94
CA SER A 47 15.35 -17.56 -11.06
C SER A 47 14.55 -18.36 -12.06
N LEU A 48 13.68 -17.68 -12.81
CA LEU A 48 12.83 -18.31 -13.80
C LEU A 48 13.64 -19.05 -14.84
N CYS A 49 14.76 -18.47 -15.25
CA CYS A 49 15.62 -19.05 -16.28
C CYS A 49 16.35 -20.30 -15.78
N GLN A 50 16.43 -20.46 -14.47
CA GLN A 50 17.17 -21.57 -13.88
C GLN A 50 16.29 -22.77 -13.55
N LEU A 51 14.98 -22.64 -13.79
CA LEU A 51 14.03 -23.68 -13.43
C LEU A 51 13.64 -24.57 -14.60
N GLY A 52 13.64 -25.89 -14.37
CA GLY A 52 13.18 -26.83 -15.37
C GLY A 52 11.67 -26.94 -15.33
N LYS A 53 11.01 -26.23 -16.24
CA LYS A 53 9.56 -26.11 -16.21
C LYS A 53 8.84 -27.39 -16.62
N TYR A 54 7.72 -27.66 -15.95
CA TYR A 54 6.84 -28.77 -16.30
C TYR A 54 5.39 -28.35 -16.10
N THR A 55 4.48 -28.95 -16.87
CA THR A 55 3.08 -28.54 -16.84
C THR A 55 2.17 -29.68 -16.37
N THR A 56 0.88 -29.37 -16.28
CA THR A 56 -0.11 -30.36 -15.87
C THR A 56 -1.43 -30.08 -16.58
N ASN A 57 -2.24 -31.12 -16.76
CA ASN A 57 -3.49 -30.99 -17.50
C ASN A 57 -4.71 -30.72 -16.61
N SER A 58 -4.51 -30.78 -15.30
CA SER A 58 -5.59 -30.56 -14.32
C SER A 58 -6.36 -29.26 -14.62
N SER A 59 -7.66 -29.40 -14.89
CA SER A 59 -8.53 -28.26 -15.19
C SER A 59 -7.77 -27.09 -15.80
N ALA A 60 -7.37 -27.24 -17.05
CA ALA A 60 -6.55 -26.24 -17.71
C ALA A 60 -7.31 -25.44 -18.76
N ASP A 61 -8.52 -25.89 -19.08
CA ASP A 61 -9.30 -25.30 -20.17
C ASP A 61 -10.42 -24.37 -19.71
N HIS A 62 -10.94 -24.58 -18.50
CA HIS A 62 -12.02 -23.75 -17.98
C HIS A 62 -11.91 -23.49 -16.49
N ARG A 63 -12.42 -22.34 -16.05
CA ARG A 63 -12.39 -21.97 -14.64
C ARG A 63 -13.41 -22.76 -13.82
N VAL A 64 -12.98 -23.20 -12.64
CA VAL A 64 -13.87 -23.84 -11.69
C VAL A 64 -13.70 -23.16 -10.33
N ARG A 65 -14.62 -23.45 -9.42
CA ARG A 65 -14.60 -22.85 -8.09
C ARG A 65 -13.30 -23.18 -7.36
N LEU A 66 -12.89 -24.45 -7.43
CA LEU A 66 -11.64 -24.90 -6.85
C LEU A 66 -11.28 -26.29 -7.36
N ASP A 67 -10.08 -26.43 -7.91
CA ASP A 67 -9.52 -27.73 -8.23
C ASP A 67 -8.74 -28.19 -7.00
N LEU A 68 -9.27 -29.19 -6.31
CA LEU A 68 -8.66 -29.66 -5.06
C LEU A 68 -7.24 -30.21 -5.28
N GLY A 69 -7.05 -30.91 -6.39
CA GLY A 69 -5.73 -31.40 -6.75
C GLY A 69 -4.75 -30.25 -6.88
N LEU A 70 -5.16 -29.21 -7.61
CA LEU A 70 -4.31 -28.02 -7.77
C LEU A 70 -4.09 -27.31 -6.44
N TRP A 71 -5.12 -27.24 -5.61
CA TRP A 71 -4.99 -26.60 -4.31
C TRP A 71 -3.94 -27.29 -3.45
N ASP A 72 -3.98 -28.61 -3.40
CA ASP A 72 -3.05 -29.37 -2.59
C ASP A 72 -1.61 -29.03 -2.98
N LYS A 73 -1.31 -29.13 -4.27
CA LYS A 73 0.03 -28.84 -4.76
C LYS A 73 0.39 -27.37 -4.55
N PHE A 74 -0.56 -26.49 -4.87
CA PHE A 74 -0.37 -25.05 -4.69
C PHE A 74 0.00 -24.71 -3.25
N SER A 75 -0.78 -25.24 -2.31
CA SER A 75 -0.57 -24.93 -0.90
C SER A 75 0.69 -25.59 -0.33
N GLU A 76 1.10 -26.71 -0.92
CA GLU A 76 2.36 -27.35 -0.52
C GLU A 76 3.53 -26.47 -0.93
N LEU A 77 3.47 -25.95 -2.15
CA LEU A 77 4.52 -25.08 -2.67
C LEU A 77 4.53 -23.74 -1.92
N ALA A 78 3.35 -23.26 -1.54
CA ALA A 78 3.25 -22.04 -0.74
C ALA A 78 3.95 -22.23 0.60
N THR A 79 3.71 -23.38 1.23
CA THR A 79 4.33 -23.69 2.51
C THR A 79 5.84 -23.68 2.39
N LYS A 80 6.34 -24.33 1.34
CA LYS A 80 7.77 -24.39 1.11
C LYS A 80 8.36 -23.01 0.84
N CYS A 81 7.60 -22.16 0.16
CA CYS A 81 8.07 -20.81 -0.12
C CYS A 81 8.08 -19.96 1.16
N ILE A 82 7.08 -20.15 2.01
CA ILE A 82 7.04 -19.45 3.29
C ILE A 82 8.25 -19.81 4.12
N ILE A 83 8.61 -21.09 4.13
CA ILE A 83 9.81 -21.55 4.82
C ILE A 83 11.04 -20.82 4.27
N LYS A 84 11.10 -20.66 2.96
CA LYS A 84 12.20 -19.93 2.33
C LYS A 84 12.18 -18.44 2.69
N ILE A 85 10.99 -17.88 2.84
CA ILE A 85 10.87 -16.48 3.22
C ILE A 85 11.40 -16.27 4.64
N VAL A 86 11.16 -17.24 5.52
CA VAL A 86 11.68 -17.19 6.89
C VAL A 86 13.21 -17.22 6.87
N GLU A 87 13.77 -18.09 6.05
CA GLU A 87 15.22 -18.19 5.94
CA GLU A 87 15.22 -18.21 5.89
C GLU A 87 15.80 -16.91 5.35
N PHE A 88 15.09 -16.33 4.37
CA PHE A 88 15.47 -15.04 3.79
C PHE A 88 15.52 -13.97 4.87
N ALA A 89 14.47 -13.92 5.69
CA ALA A 89 14.35 -12.94 6.75
C ALA A 89 15.53 -13.03 7.72
N LYS A 90 15.85 -14.25 8.11
CA LYS A 90 16.91 -14.49 9.09
C LYS A 90 18.27 -14.04 8.59
N ARG A 91 18.39 -13.88 7.28
CA ARG A 91 19.64 -13.46 6.66
C ARG A 91 19.75 -11.95 6.50
N LEU A 92 18.65 -11.24 6.78
CA LEU A 92 18.65 -9.78 6.69
C LEU A 92 19.34 -9.16 7.90
N PRO A 93 20.33 -8.29 7.66
CA PRO A 93 21.07 -7.64 8.74
C PRO A 93 20.13 -7.01 9.78
N GLY A 94 20.28 -7.42 11.03
CA GLY A 94 19.51 -6.84 12.11
C GLY A 94 18.17 -7.49 12.40
N PHE A 95 17.66 -8.31 11.48
CA PHE A 95 16.35 -8.90 11.67
C PHE A 95 16.29 -9.77 12.92
N THR A 96 17.29 -10.63 13.09
CA THR A 96 17.31 -11.51 14.25
CA THR A 96 17.36 -11.53 14.22
C THR A 96 17.77 -10.76 15.49
N GLY A 97 17.91 -9.45 15.36
CA GLY A 97 18.22 -8.59 16.50
C GLY A 97 16.96 -7.96 17.07
N LEU A 98 15.86 -8.09 16.33
CA LEU A 98 14.56 -7.61 16.81
C LEU A 98 14.02 -8.56 17.87
N THR A 99 12.96 -8.16 18.56
CA THR A 99 12.34 -9.06 19.54
C THR A 99 11.73 -10.24 18.80
N ILE A 100 11.61 -11.36 19.49
CA ILE A 100 10.99 -12.55 18.91
C ILE A 100 9.58 -12.24 18.45
N ALA A 101 8.83 -11.52 19.29
CA ALA A 101 7.46 -11.15 18.92
C ALA A 101 7.42 -10.31 17.66
N ASP A 102 8.34 -9.36 17.54
CA ASP A 102 8.41 -8.50 16.35
C ASP A 102 8.79 -9.27 15.08
N GLN A 103 9.73 -10.20 15.20
CA GLN A 103 10.09 -11.03 14.06
C GLN A 103 8.87 -11.79 13.54
N ILE A 104 8.10 -12.36 14.46
CA ILE A 104 6.86 -13.06 14.12
C ILE A 104 5.86 -12.12 13.49
N THR A 105 5.66 -10.97 14.13
CA THR A 105 4.72 -9.96 13.63
C THR A 105 5.06 -9.52 12.22
N LEU A 106 6.33 -9.20 11.99
CA LEU A 106 6.78 -8.75 10.67
C LEU A 106 6.60 -9.83 9.61
N LEU A 107 6.96 -11.05 9.94
CA LEU A 107 6.83 -12.17 9.00
C LEU A 107 5.37 -12.38 8.60
N LYS A 108 4.49 -12.40 9.58
CA LYS A 108 3.07 -12.58 9.32
C LYS A 108 2.49 -11.44 8.49
N ALA A 109 2.92 -10.21 8.77
CA ALA A 109 2.39 -9.04 8.08
C ALA A 109 2.84 -8.95 6.62
N ALA A 110 4.04 -9.46 6.33
CA ALA A 110 4.59 -9.33 5.00
C ALA A 110 4.54 -10.63 4.18
N CYS A 111 4.02 -11.69 4.80
CA CYS A 111 4.03 -13.00 4.16
C CYS A 111 3.40 -12.94 2.76
N LEU A 112 2.18 -12.44 2.68
CA LEU A 112 1.45 -12.37 1.42
CA LEU A 112 1.47 -12.38 1.41
C LEU A 112 2.10 -11.39 0.44
N ASP A 113 2.59 -10.26 0.96
CA ASP A 113 3.29 -9.29 0.14
C ASP A 113 4.38 -9.98 -0.66
N ILE A 114 5.24 -10.72 0.05
CA ILE A 114 6.40 -11.35 -0.56
C ILE A 114 6.03 -12.53 -1.45
N LEU A 115 5.01 -13.29 -1.04
CA LEU A 115 4.53 -14.39 -1.88
C LEU A 115 4.03 -13.86 -3.21
N ILE A 116 3.28 -12.76 -3.18
CA ILE A 116 2.75 -12.14 -4.38
C ILE A 116 3.87 -11.62 -5.27
N LEU A 117 4.82 -10.90 -4.68
CA LEU A 117 5.95 -10.36 -5.44
C LEU A 117 6.75 -11.50 -6.08
N ARG A 118 7.01 -12.55 -5.31
CA ARG A 118 7.82 -13.66 -5.79
C ARG A 118 7.17 -14.35 -7.00
N ILE A 119 5.92 -14.77 -6.85
CA ILE A 119 5.26 -15.46 -7.95
C ILE A 119 5.10 -14.57 -9.18
N CYS A 120 4.95 -13.27 -8.97
CA CYS A 120 4.79 -12.33 -10.08
C CYS A 120 6.10 -12.04 -10.84
N THR A 121 7.23 -12.43 -10.26
CA THR A 121 8.50 -12.33 -10.95
C THR A 121 8.80 -13.63 -11.70
N ARG A 122 7.84 -14.55 -11.67
CA ARG A 122 7.96 -15.83 -12.37
C ARG A 122 6.92 -15.92 -13.48
N TYR A 123 6.57 -14.77 -14.04
CA TYR A 123 5.52 -14.70 -15.06
C TYR A 123 6.10 -14.68 -16.48
N THR A 124 5.54 -15.52 -17.34
CA THR A 124 5.94 -15.57 -18.74
CA THR A 124 5.94 -15.55 -18.74
C THR A 124 4.79 -15.07 -19.62
N PRO A 125 4.95 -13.87 -20.21
CA PRO A 125 3.92 -13.23 -21.03
C PRO A 125 3.48 -14.08 -22.21
N GLU A 126 4.44 -14.68 -22.91
CA GLU A 126 4.15 -15.46 -24.10
C GLU A 126 3.09 -16.54 -23.87
N GLN A 127 3.25 -17.30 -22.78
CA GLN A 127 2.32 -18.36 -22.45
C GLN A 127 1.30 -17.95 -21.38
N ASP A 128 1.46 -16.75 -20.83
CA ASP A 128 0.56 -16.26 -19.79
C ASP A 128 0.53 -17.26 -18.64
N THR A 129 1.72 -17.61 -18.14
CA THR A 129 1.85 -18.60 -17.07
C THR A 129 2.70 -18.08 -15.92
N MET A 130 2.60 -18.74 -14.77
CA MET A 130 3.47 -18.47 -13.64
C MET A 130 4.15 -19.77 -13.21
N THR A 131 5.42 -19.69 -12.83
CA THR A 131 6.20 -20.88 -12.52
C THR A 131 6.62 -20.93 -11.06
N PHE A 132 6.38 -22.07 -10.41
CA PHE A 132 6.73 -22.24 -9.01
C PHE A 132 8.17 -22.71 -8.83
N SER A 133 8.64 -22.76 -7.59
CA SER A 133 10.05 -23.03 -7.32
C SER A 133 10.49 -24.45 -7.68
N ASP A 134 9.53 -25.34 -7.94
CA ASP A 134 9.85 -26.70 -8.37
C ASP A 134 9.75 -26.84 -9.88
N GLY A 135 9.42 -25.75 -10.55
CA GLY A 135 9.32 -25.75 -12.01
C GLY A 135 7.89 -25.84 -12.52
N LEU A 136 6.95 -26.17 -11.62
CA LEU A 136 5.55 -26.28 -12.01
C LEU A 136 5.07 -25.00 -12.67
N THR A 137 4.57 -25.11 -13.88
CA THR A 137 4.11 -23.96 -14.65
C THR A 137 2.63 -24.07 -14.96
N LEU A 138 1.84 -23.16 -14.40
CA LEU A 138 0.39 -23.18 -14.57
C LEU A 138 -0.07 -21.99 -15.41
N ASN A 139 -1.11 -22.18 -16.20
CA ASN A 139 -1.69 -21.07 -16.96
C ASN A 139 -2.63 -20.25 -16.09
N ARG A 140 -3.14 -19.15 -16.62
CA ARG A 140 -4.01 -18.26 -15.86
C ARG A 140 -5.21 -19.01 -15.27
N THR A 141 -5.84 -19.85 -16.07
CA THR A 141 -7.00 -20.61 -15.63
C THR A 141 -6.69 -21.55 -14.47
N GLN A 142 -5.51 -22.17 -14.52
CA GLN A 142 -5.09 -23.09 -13.48
C GLN A 142 -4.75 -22.36 -12.17
N MET A 143 -4.11 -21.20 -12.29
CA MET A 143 -3.83 -20.38 -11.11
C MET A 143 -5.14 -19.99 -10.44
N HIS A 144 -6.12 -19.61 -11.24
CA HIS A 144 -7.46 -19.34 -10.73
C HIS A 144 -8.00 -20.55 -9.98
N ASN A 145 -7.95 -21.72 -10.61
CA ASN A 145 -8.52 -22.93 -10.04
C ASN A 145 -7.72 -23.47 -8.85
N ALA A 146 -6.45 -23.07 -8.76
CA ALA A 146 -5.59 -23.49 -7.65
C ALA A 146 -5.92 -22.73 -6.37
N GLY A 147 -6.51 -21.54 -6.50
CA GLY A 147 -6.85 -20.76 -5.33
C GLY A 147 -6.99 -19.26 -5.55
N PHE A 148 -6.34 -18.72 -6.57
CA PHE A 148 -6.41 -17.28 -6.85
C PHE A 148 -7.86 -16.80 -6.98
N GLY A 149 -8.71 -17.61 -7.60
CA GLY A 149 -10.11 -17.28 -7.77
C GLY A 149 -10.35 -15.88 -8.33
N PRO A 150 -11.22 -15.11 -7.67
CA PRO A 150 -11.64 -13.77 -8.11
C PRO A 150 -10.48 -12.78 -8.23
N LEU A 151 -9.35 -13.06 -7.58
CA LEU A 151 -8.20 -12.14 -7.63
C LEU A 151 -7.23 -12.47 -8.76
N THR A 152 -7.54 -13.51 -9.54
CA THR A 152 -6.62 -13.97 -10.58
C THR A 152 -6.15 -12.86 -11.52
N ASP A 153 -7.09 -12.17 -12.14
CA ASP A 153 -6.74 -11.14 -13.12
C ASP A 153 -5.99 -9.98 -12.48
N LEU A 154 -6.35 -9.63 -11.26
CA LEU A 154 -5.68 -8.57 -10.53
C LEU A 154 -4.20 -8.88 -10.37
N VAL A 155 -3.90 -10.12 -9.98
CA VAL A 155 -2.52 -10.54 -9.77
C VAL A 155 -1.75 -10.58 -11.09
N PHE A 156 -2.38 -11.10 -12.14
CA PHE A 156 -1.74 -11.16 -13.45
C PHE A 156 -1.44 -9.78 -14.01
N THR A 157 -2.35 -8.83 -13.78
CA THR A 157 -2.14 -7.46 -14.20
C THR A 157 -0.88 -6.89 -13.56
N PHE A 158 -0.74 -7.14 -12.26
CA PHE A 158 0.43 -6.66 -11.53
C PHE A 158 1.72 -7.24 -12.10
N ALA A 159 1.71 -8.54 -12.38
CA ALA A 159 2.87 -9.19 -12.97
C ALA A 159 3.26 -8.53 -14.29
N ASN A 160 2.26 -8.14 -15.08
CA ASN A 160 2.52 -7.45 -16.35
C ASN A 160 3.13 -6.07 -16.16
N GLN A 161 2.67 -5.35 -15.13
CA GLN A 161 3.18 -4.01 -14.87
C GLN A 161 4.62 -4.03 -14.38
N LEU A 162 5.08 -5.18 -13.91
CA LEU A 162 6.46 -5.32 -13.44
C LEU A 162 7.45 -5.46 -14.59
N LEU A 163 6.96 -5.98 -15.71
CA LEU A 163 7.82 -6.28 -16.86
C LEU A 163 8.70 -5.12 -17.33
N PRO A 164 8.09 -3.96 -17.62
CA PRO A 164 8.89 -2.83 -18.12
C PRO A 164 9.99 -2.38 -17.17
N LEU A 165 9.95 -2.84 -15.92
CA LEU A 165 10.89 -2.39 -14.90
C LEU A 165 12.24 -3.10 -14.98
N GLU A 166 12.24 -4.34 -15.48
CA GLU A 166 13.46 -5.11 -15.62
C GLU A 166 14.13 -5.42 -14.27
N MET A 167 13.32 -5.64 -13.24
CA MET A 167 13.88 -5.91 -11.91
C MET A 167 14.73 -7.18 -11.88
N ASP A 168 15.85 -7.11 -11.17
CA ASP A 168 16.72 -8.27 -10.99
C ASP A 168 16.70 -8.76 -9.55
N ASP A 169 17.55 -9.74 -9.25
CA ASP A 169 17.60 -10.31 -7.91
C ASP A 169 17.86 -9.28 -6.82
N THR A 170 18.77 -8.35 -7.09
CA THR A 170 19.12 -7.32 -6.11
C THR A 170 17.90 -6.47 -5.77
N GLU A 171 17.21 -6.00 -6.80
CA GLU A 171 16.06 -5.13 -6.61
C GLU A 171 14.89 -5.86 -5.98
N THR A 172 14.61 -7.07 -6.46
CA THR A 172 13.53 -7.88 -5.90
C THR A 172 13.81 -8.25 -4.45
N GLY A 173 15.06 -8.55 -4.14
CA GLY A 173 15.46 -8.83 -2.78
C GLY A 173 15.29 -7.63 -1.87
N LEU A 174 15.73 -6.46 -2.33
CA LEU A 174 15.61 -5.24 -1.56
C LEU A 174 14.15 -4.86 -1.33
N LEU A 175 13.33 -4.99 -2.37
CA LEU A 175 11.92 -4.68 -2.24
C LEU A 175 11.26 -5.61 -1.22
N SER A 176 11.67 -6.88 -1.24
CA SER A 176 11.17 -7.87 -0.29
C SER A 176 11.56 -7.51 1.14
N ALA A 177 12.82 -7.10 1.32
CA ALA A 177 13.32 -6.72 2.63
C ALA A 177 12.60 -5.49 3.16
N ILE A 178 12.35 -4.53 2.27
CA ILE A 178 11.64 -3.31 2.63
C ILE A 178 10.21 -3.63 3.07
N CYS A 179 9.60 -4.60 2.41
CA CYS A 179 8.25 -5.06 2.76
CA CYS A 179 8.26 -5.03 2.77
C CYS A 179 8.25 -5.68 4.16
N LEU A 180 9.24 -6.52 4.42
CA LEU A 180 9.35 -7.23 5.68
CA LEU A 180 9.37 -7.23 5.69
C LEU A 180 9.67 -6.28 6.85
N ILE A 181 10.76 -5.54 6.70
CA ILE A 181 11.21 -4.63 7.74
C ILE A 181 10.47 -3.30 7.64
N CYS A 182 9.26 -3.30 8.18
CA CYS A 182 8.35 -2.17 8.06
C CYS A 182 7.88 -1.74 9.45
N GLY A 183 8.26 -0.53 9.85
CA GLY A 183 7.98 -0.04 11.19
C GLY A 183 6.54 0.38 11.42
N ASP A 184 5.73 0.35 10.36
CA ASP A 184 4.34 0.79 10.47
C ASP A 184 3.36 -0.36 10.66
N ARG A 185 3.88 -1.59 10.71
CA ARG A 185 3.04 -2.75 10.98
C ARG A 185 2.41 -2.62 12.37
N GLN A 186 1.17 -3.08 12.51
CA GLN A 186 0.47 -3.02 13.79
C GLN A 186 1.09 -3.94 14.84
N ASP A 187 1.04 -3.51 16.09
CA ASP A 187 1.39 -4.34 17.24
C ASP A 187 2.88 -4.69 17.37
N LEU A 188 3.74 -3.86 16.80
CA LEU A 188 5.18 -4.00 17.00
C LEU A 188 5.56 -3.55 18.40
N GLU A 189 6.53 -4.23 19.00
CA GLU A 189 7.06 -3.84 20.31
C GLU A 189 8.07 -2.71 20.19
N GLU A 190 8.85 -2.74 19.12
CA GLU A 190 9.89 -1.73 18.90
C GLU A 190 9.80 -1.12 17.50
N PRO A 191 8.70 -0.41 17.21
CA PRO A 191 8.48 0.16 15.88
C PRO A 191 9.62 1.07 15.42
N THR A 192 10.19 1.84 16.34
CA THR A 192 11.28 2.75 15.99
C THR A 192 12.52 2.00 15.50
N LYS A 193 12.92 0.98 16.26
CA LYS A 193 14.06 0.15 15.87
C LYS A 193 13.84 -0.44 14.48
N VAL A 194 12.66 -0.97 14.23
CA VAL A 194 12.33 -1.54 12.92
C VAL A 194 12.40 -0.46 11.84
N ASP A 195 11.81 0.69 12.12
CA ASP A 195 11.79 1.78 11.15
C ASP A 195 13.21 2.20 10.77
N LYS A 196 14.09 2.30 11.78
CA LYS A 196 15.47 2.69 11.55
C LYS A 196 16.22 1.62 10.74
N LEU A 197 15.84 0.36 10.95
CA LEU A 197 16.48 -0.75 10.24
C LEU A 197 16.12 -0.72 8.76
N GLN A 198 14.97 -0.14 8.45
CA GLN A 198 14.50 -0.06 7.06
C GLN A 198 15.24 1.01 6.27
N GLU A 199 15.69 2.06 6.96
CA GLU A 199 16.31 3.20 6.31
C GLU A 199 17.47 2.83 5.37
N PRO A 200 18.42 2.02 5.85
CA PRO A 200 19.53 1.57 5.00
C PRO A 200 19.06 0.81 3.75
N LEU A 201 17.96 0.09 3.87
CA LEU A 201 17.40 -0.64 2.74
C LEU A 201 16.94 0.32 1.65
N LEU A 202 16.27 1.39 2.06
CA LEU A 202 15.76 2.40 1.14
C LEU A 202 16.89 3.10 0.40
N GLU A 203 17.94 3.45 1.13
CA GLU A 203 19.10 4.12 0.53
C GLU A 203 19.81 3.18 -0.43
N ALA A 204 19.97 1.92 -0.03
CA ALA A 204 20.63 0.93 -0.86
C ALA A 204 19.88 0.73 -2.18
N LEU A 205 18.55 0.69 -2.11
CA LEU A 205 17.73 0.55 -3.31
C LEU A 205 17.91 1.75 -4.24
N LYS A 206 17.87 2.95 -3.66
CA LYS A 206 18.04 4.17 -4.44
C LYS A 206 19.36 4.15 -5.20
N ILE A 207 20.45 3.95 -4.47
CA ILE A 207 21.79 3.92 -5.05
C ILE A 207 21.92 2.86 -6.15
N TYR A 208 21.45 1.65 -5.88
CA TYR A 208 21.57 0.55 -6.84
C TYR A 208 20.81 0.86 -8.13
N ILE A 209 19.59 1.35 -8.00
CA ILE A 209 18.78 1.72 -9.16
C ILE A 209 19.49 2.78 -9.99
N ARG A 210 20.15 3.70 -9.29
CA ARG A 210 20.84 4.80 -9.96
C ARG A 210 22.03 4.29 -10.76
N LYS A 211 22.85 3.44 -10.13
CA LYS A 211 24.03 2.89 -10.78
C LYS A 211 23.64 1.99 -11.95
N ARG A 212 22.44 1.43 -11.89
CA ARG A 212 22.00 0.45 -12.87
C ARG A 212 21.12 1.07 -13.96
N ARG A 213 20.53 2.22 -13.65
CA ARG A 213 19.68 2.92 -14.61
C ARG A 213 20.02 4.40 -14.68
N PRO A 214 21.22 4.73 -15.17
CA PRO A 214 21.62 6.13 -15.31
C PRO A 214 20.67 6.90 -16.22
N SER A 215 20.23 6.25 -17.30
CA SER A 215 19.33 6.87 -18.25
C SER A 215 18.01 7.26 -17.61
N LYS A 216 17.35 6.27 -17.00
CA LYS A 216 16.07 6.49 -16.32
C LYS A 216 16.24 7.34 -15.07
N PRO A 217 15.45 8.43 -14.96
CA PRO A 217 15.56 9.44 -13.91
C PRO A 217 14.85 9.06 -12.60
N HIS A 218 13.54 8.94 -12.63
CA HIS A 218 12.76 8.73 -11.41
C HIS A 218 12.35 7.27 -11.22
N MET A 219 13.27 6.35 -11.47
CA MET A 219 12.98 4.92 -11.32
C MET A 219 12.93 4.47 -9.86
N PHE A 220 13.60 5.22 -8.98
CA PHE A 220 13.56 4.87 -7.57
C PHE A 220 12.14 4.95 -7.02
N PRO A 221 11.47 6.11 -7.20
CA PRO A 221 10.08 6.22 -6.76
C PRO A 221 9.18 5.19 -7.45
N LYS A 222 9.39 4.98 -8.75
CA LYS A 222 8.56 4.06 -9.52
C LYS A 222 8.67 2.61 -9.03
N ILE A 223 9.89 2.13 -8.84
CA ILE A 223 10.10 0.76 -8.36
C ILE A 223 9.64 0.63 -6.91
N LEU A 224 10.06 1.57 -6.08
CA LEU A 224 9.72 1.55 -4.66
C LEU A 224 8.21 1.50 -4.43
N MET A 225 7.46 2.26 -5.24
CA MET A 225 6.03 2.38 -5.03
CA MET A 225 6.02 2.38 -5.04
C MET A 225 5.21 1.22 -5.62
N LYS A 226 5.91 0.18 -6.08
CA LYS A 226 5.22 -1.04 -6.49
C LYS A 226 4.75 -1.74 -5.22
N ILE A 227 5.34 -1.35 -4.09
CA ILE A 227 4.91 -1.87 -2.80
C ILE A 227 3.48 -1.44 -2.51
N THR A 228 3.09 -0.29 -3.07
CA THR A 228 1.70 0.17 -2.98
C THR A 228 0.76 -0.87 -3.58
N ASP A 229 1.15 -1.40 -4.73
CA ASP A 229 0.39 -2.46 -5.39
C ASP A 229 0.31 -3.70 -4.52
N LEU A 230 1.45 -4.16 -4.03
CA LEU A 230 1.51 -5.34 -3.19
C LEU A 230 0.56 -5.22 -2.02
N ARG A 231 0.61 -4.06 -1.37
CA ARG A 231 -0.24 -3.80 -0.20
C ARG A 231 -1.72 -3.95 -0.54
N SER A 232 -2.12 -3.39 -1.67
CA SER A 232 -3.51 -3.45 -2.09
C SER A 232 -3.92 -4.89 -2.35
N ILE A 233 -3.12 -5.57 -3.17
CA ILE A 233 -3.39 -6.97 -3.49
C ILE A 233 -3.37 -7.85 -2.25
N SER A 234 -2.40 -7.60 -1.36
CA SER A 234 -2.27 -8.36 -0.12
CA SER A 234 -2.27 -8.37 -0.12
C SER A 234 -3.49 -8.21 0.78
N ALA A 235 -4.01 -6.98 0.86
CA ALA A 235 -5.20 -6.71 1.66
C ALA A 235 -6.38 -7.51 1.12
N LYS A 236 -6.54 -7.48 -0.21
CA LYS A 236 -7.61 -8.25 -0.84
C LYS A 236 -7.33 -9.75 -0.70
N GLY A 237 -6.05 -10.11 -0.74
CA GLY A 237 -5.63 -11.49 -0.62
C GLY A 237 -5.95 -12.10 0.73
N ALA A 238 -5.79 -11.32 1.79
CA ALA A 238 -6.13 -11.78 3.12
C ALA A 238 -7.59 -12.21 3.18
N GLU A 239 -8.46 -11.44 2.54
CA GLU A 239 -9.89 -11.77 2.48
C GLU A 239 -10.12 -13.01 1.61
N ARG A 240 -9.35 -13.15 0.55
CA ARG A 240 -9.46 -14.32 -0.32
C ARG A 240 -9.11 -15.60 0.44
N VAL A 241 -8.08 -15.53 1.29
CA VAL A 241 -7.66 -16.67 2.08
C VAL A 241 -8.77 -17.08 3.05
N ILE A 242 -9.48 -16.10 3.59
CA ILE A 242 -10.59 -16.36 4.49
C ILE A 242 -11.71 -17.09 3.76
N THR A 243 -11.98 -16.64 2.54
CA THR A 243 -12.99 -17.26 1.69
C THR A 243 -12.58 -18.68 1.31
N LEU A 244 -11.28 -18.87 1.09
CA LEU A 244 -10.74 -20.20 0.78
C LEU A 244 -10.91 -21.17 1.95
N LYS A 245 -10.69 -20.66 3.17
CA LYS A 245 -10.85 -21.49 4.37
C LYS A 245 -12.17 -22.25 4.38
N MET A 246 -13.20 -21.69 3.77
CA MET A 246 -14.52 -22.32 3.79
C MET A 246 -14.89 -23.01 2.49
N GLU A 247 -14.04 -22.89 1.47
CA GLU A 247 -14.27 -23.56 0.19
C GLU A 247 -13.52 -24.88 0.09
N ILE A 248 -12.49 -25.03 0.92
CA ILE A 248 -11.69 -26.25 0.93
C ILE A 248 -12.26 -27.25 1.93
N PRO A 249 -12.50 -28.49 1.47
CA PRO A 249 -13.02 -29.53 2.37
C PRO A 249 -11.90 -30.06 3.25
N GLY A 250 -11.34 -29.18 4.08
CA GLY A 250 -10.24 -29.54 4.96
C GLY A 250 -9.50 -28.31 5.44
N SER A 251 -8.53 -28.49 6.33
CA SER A 251 -7.73 -27.37 6.82
C SER A 251 -6.60 -27.04 5.87
N MET A 252 -6.16 -25.79 5.89
CA MET A 252 -4.95 -25.40 5.16
C MET A 252 -3.74 -25.94 5.90
N PRO A 253 -2.60 -26.05 5.21
CA PRO A 253 -1.37 -26.46 5.90
C PRO A 253 -1.17 -25.61 7.15
N PRO A 254 -0.68 -26.22 8.24
CA PRO A 254 -0.57 -25.57 9.55
C PRO A 254 0.28 -24.29 9.52
N LEU A 255 1.33 -24.25 8.71
CA LEU A 255 2.14 -23.05 8.62
C LEU A 255 1.33 -21.89 8.03
N ILE A 256 0.51 -22.21 7.04
CA ILE A 256 -0.37 -21.23 6.43
C ILE A 256 -1.42 -20.76 7.43
N GLN A 257 -2.00 -21.69 8.19
CA GLN A 257 -2.94 -21.31 9.25
C GLN A 257 -2.27 -20.29 10.17
N GLU A 258 -1.09 -20.63 10.64
CA GLU A 258 -0.36 -19.78 11.59
C GLU A 258 -0.08 -18.39 11.03
N MET A 259 0.35 -18.32 9.79
CA MET A 259 0.66 -17.03 9.18
C MET A 259 -0.59 -16.14 9.11
N MET A 260 -1.67 -16.69 8.58
CA MET A 260 -2.86 -15.88 8.29
C MET A 260 -3.66 -15.49 9.53
N GLU A 261 -3.19 -15.90 10.70
CA GLU A 261 -3.82 -15.56 11.97
C GLU A 261 -3.69 -14.08 12.30
N SER B 23 24.29 25.91 -1.25
CA SER B 23 23.44 25.44 -0.15
C SER B 23 22.14 24.86 -0.70
N TYR B 24 21.68 25.41 -1.83
CA TYR B 24 20.50 24.91 -2.54
C TYR B 24 20.50 25.45 -3.97
N GLU B 25 20.15 24.61 -4.94
CA GLU B 25 20.12 25.03 -6.33
C GLU B 25 18.82 25.72 -6.69
N MET B 26 18.80 26.39 -7.85
CA MET B 26 17.61 27.10 -8.30
C MET B 26 16.56 26.12 -8.82
N THR B 27 15.34 26.26 -8.32
CA THR B 27 14.24 25.39 -8.70
CA THR B 27 14.23 25.39 -8.69
C THR B 27 12.96 26.21 -8.88
N ALA B 28 13.02 27.20 -9.77
CA ALA B 28 11.92 28.12 -10.00
C ALA B 28 10.58 27.44 -10.30
N GLU B 29 10.53 26.72 -11.42
CA GLU B 29 9.29 26.09 -11.88
C GLU B 29 8.65 25.20 -10.83
N LEU B 30 9.42 24.26 -10.28
CA LEU B 30 8.93 23.37 -9.24
C LEU B 30 8.51 24.15 -8.00
N ASP B 31 9.25 25.22 -7.70
CA ASP B 31 8.87 26.12 -6.61
C ASP B 31 7.49 26.70 -6.86
N ASP B 32 7.12 26.79 -8.14
CA ASP B 32 5.85 27.38 -8.54
C ASP B 32 4.74 26.34 -8.46
N LEU B 33 4.99 25.17 -9.03
CA LEU B 33 4.04 24.07 -8.97
C LEU B 33 3.70 23.74 -7.53
N THR B 34 4.73 23.67 -6.69
CA THR B 34 4.55 23.40 -5.26
CA THR B 34 4.52 23.37 -5.28
C THR B 34 3.63 24.43 -4.62
N GLU B 35 3.72 25.66 -5.10
CA GLU B 35 2.88 26.75 -4.59
C GLU B 35 1.42 26.55 -4.96
N LYS B 36 1.17 26.16 -6.19
CA LYS B 36 -0.19 25.89 -6.67
C LYS B 36 -0.84 24.73 -5.93
N ILE B 37 -0.05 23.70 -5.62
CA ILE B 37 -0.56 22.52 -4.94
C ILE B 37 -0.90 22.84 -3.48
N ARG B 38 0.00 23.53 -2.80
CA ARG B 38 -0.21 23.92 -1.42
C ARG B 38 -1.48 24.76 -1.28
N LYS B 39 -1.68 25.68 -2.23
CA LYS B 39 -2.85 26.56 -2.20
C LYS B 39 -4.13 25.77 -2.46
N ALA B 40 -4.08 24.86 -3.43
CA ALA B 40 -5.22 24.02 -3.75
C ALA B 40 -5.66 23.22 -2.53
N HIS B 41 -4.69 22.69 -1.79
CA HIS B 41 -4.98 21.90 -0.60
C HIS B 41 -5.59 22.77 0.50
N GLN B 42 -4.90 23.85 0.86
CA GLN B 42 -5.35 24.74 1.91
C GLN B 42 -6.75 25.28 1.65
N GLU B 43 -7.05 25.57 0.39
CA GLU B 43 -8.32 26.19 0.03
C GLU B 43 -9.45 25.19 -0.13
N THR B 44 -9.13 23.91 -0.01
CA THR B 44 -10.15 22.86 -0.06
C THR B 44 -10.11 21.98 1.19
N PHE B 45 -9.26 22.37 2.15
CA PHE B 45 -9.13 21.63 3.40
C PHE B 45 -8.54 22.50 4.50
N PRO B 46 -9.39 23.09 5.33
CA PRO B 46 -8.96 23.95 6.44
C PRO B 46 -8.06 23.19 7.41
N SER B 47 -7.07 23.86 7.98
CA SER B 47 -6.16 23.23 8.92
C SER B 47 -6.74 23.21 10.34
N LEU B 48 -6.16 22.38 11.19
CA LEU B 48 -6.64 22.17 12.55
C LEU B 48 -6.78 23.48 13.34
N CYS B 49 -5.82 24.38 13.14
CA CYS B 49 -5.81 25.63 13.90
C CYS B 49 -6.84 26.65 13.40
N GLN B 50 -7.26 26.49 12.15
CA GLN B 50 -8.21 27.41 11.53
C GLN B 50 -9.65 27.11 11.91
N LEU B 51 -9.87 25.94 12.48
CA LEU B 51 -11.23 25.48 12.76
C LEU B 51 -11.66 25.79 14.19
N GLY B 52 -12.93 26.16 14.35
CA GLY B 52 -13.52 26.35 15.65
C GLY B 52 -14.11 25.03 16.13
N LYS B 53 -13.33 24.27 16.89
CA LYS B 53 -13.74 22.94 17.31
C LYS B 53 -15.00 22.96 18.17
N TYR B 54 -15.76 21.88 18.10
CA TYR B 54 -16.90 21.67 18.98
C TYR B 54 -17.17 20.18 19.14
N THR B 55 -17.66 19.79 20.32
CA THR B 55 -17.88 18.38 20.60
C THR B 55 -19.36 18.02 20.71
N THR B 56 -19.63 16.73 20.79
CA THR B 56 -20.97 16.22 21.06
C THR B 56 -20.87 15.15 22.13
N ASN B 57 -21.99 14.88 22.81
CA ASN B 57 -21.99 13.91 23.90
C ASN B 57 -22.56 12.56 23.44
N SER B 58 -22.93 12.48 22.16
CA SER B 58 -23.55 11.28 21.62
C SER B 58 -22.64 10.06 21.73
N SER B 59 -23.09 9.06 22.49
CA SER B 59 -22.37 7.80 22.66
C SER B 59 -20.87 7.97 22.85
N ALA B 60 -20.48 8.94 23.68
CA ALA B 60 -19.06 9.20 23.93
C ALA B 60 -18.48 8.21 24.91
N ASP B 61 -19.35 7.42 25.54
CA ASP B 61 -18.95 6.52 26.62
C ASP B 61 -18.49 5.14 26.13
N HIS B 62 -19.40 4.40 25.51
CA HIS B 62 -19.09 3.04 25.09
C HIS B 62 -19.37 2.81 23.60
N ARG B 63 -18.68 1.83 23.02
CA ARG B 63 -18.78 1.56 21.59
C ARG B 63 -20.05 0.81 21.23
N VAL B 64 -20.69 1.24 20.15
CA VAL B 64 -21.90 0.59 19.65
C VAL B 64 -21.70 0.17 18.20
N ARG B 65 -22.63 -0.63 17.69
CA ARG B 65 -22.56 -1.10 16.31
C ARG B 65 -22.52 0.08 15.35
N LEU B 66 -23.43 1.02 15.54
CA LEU B 66 -23.48 2.23 14.73
C LEU B 66 -24.38 3.27 15.38
N ASP B 67 -23.84 4.44 15.63
CA ASP B 67 -24.63 5.56 16.14
C ASP B 67 -25.26 6.29 14.96
N LEU B 68 -26.57 6.12 14.79
CA LEU B 68 -27.30 6.73 13.68
C LEU B 68 -27.11 8.23 13.61
N GLY B 69 -27.12 8.89 14.77
CA GLY B 69 -26.94 10.32 14.83
C GLY B 69 -25.56 10.73 14.34
N LEU B 70 -24.55 10.03 14.82
CA LEU B 70 -23.17 10.28 14.40
C LEU B 70 -22.96 9.93 12.93
N TRP B 71 -23.57 8.84 12.48
CA TRP B 71 -23.48 8.46 11.08
C TRP B 71 -24.09 9.50 10.17
N ASP B 72 -25.26 10.00 10.55
CA ASP B 72 -25.95 11.02 9.77
CA ASP B 72 -25.94 11.02 9.76
C ASP B 72 -25.02 12.21 9.50
N LYS B 73 -24.32 12.64 10.55
CA LYS B 73 -23.39 13.75 10.43
C LYS B 73 -22.16 13.35 9.64
N PHE B 74 -21.67 12.14 9.91
CA PHE B 74 -20.49 11.61 9.25
C PHE B 74 -20.67 11.56 7.73
N SER B 75 -21.79 11.00 7.31
CA SER B 75 -22.07 10.85 5.88
C SER B 75 -22.19 12.19 5.17
N GLU B 76 -22.74 13.19 5.86
CA GLU B 76 -22.85 14.53 5.31
C GLU B 76 -21.47 15.15 5.13
N LEU B 77 -20.64 15.01 6.16
CA LEU B 77 -19.28 15.53 6.13
C LEU B 77 -18.44 14.82 5.08
N ALA B 78 -18.65 13.52 4.91
CA ALA B 78 -17.94 12.76 3.90
C ALA B 78 -18.29 13.25 2.50
N THR B 79 -19.59 13.50 2.27
CA THR B 79 -20.06 13.99 1.00
C THR B 79 -19.41 15.34 0.68
N LYS B 80 -19.38 16.22 1.67
CA LYS B 80 -18.83 17.55 1.47
C LYS B 80 -17.33 17.52 1.21
N CYS B 81 -16.61 16.62 1.89
CA CYS B 81 -15.18 16.48 1.68
C CYS B 81 -14.87 15.89 0.31
N ILE B 82 -15.71 14.96 -0.16
CA ILE B 82 -15.53 14.40 -1.49
C ILE B 82 -15.67 15.50 -2.54
N ILE B 83 -16.68 16.35 -2.37
CA ILE B 83 -16.84 17.52 -3.22
C ILE B 83 -15.56 18.36 -3.22
N LYS B 84 -15.00 18.60 -2.04
CA LYS B 84 -13.74 19.33 -1.90
C LYS B 84 -12.57 18.65 -2.61
N ILE B 85 -12.54 17.33 -2.55
CA ILE B 85 -11.45 16.58 -3.17
C ILE B 85 -11.53 16.71 -4.68
N VAL B 86 -12.75 16.74 -5.21
CA VAL B 86 -12.95 16.95 -6.64
C VAL B 86 -12.44 18.34 -7.04
N GLU B 87 -12.76 19.34 -6.23
CA GLU B 87 -12.30 20.70 -6.46
C GLU B 87 -10.77 20.76 -6.41
N PHE B 88 -10.20 20.09 -5.41
CA PHE B 88 -8.75 19.99 -5.27
C PHE B 88 -8.13 19.42 -6.54
N ALA B 89 -8.71 18.34 -7.03
CA ALA B 89 -8.24 17.67 -8.24
C ALA B 89 -8.23 18.58 -9.46
N LYS B 90 -9.32 19.34 -9.63
CA LYS B 90 -9.44 20.21 -10.79
C LYS B 90 -8.42 21.35 -10.76
N ARG B 91 -7.77 21.54 -9.63
CA ARG B 91 -6.80 22.61 -9.48
C ARG B 91 -5.37 22.13 -9.65
N LEU B 92 -5.20 20.82 -9.82
CA LEU B 92 -3.88 20.26 -10.10
C LEU B 92 -3.57 20.48 -11.58
N PRO B 93 -2.47 21.18 -11.87
CA PRO B 93 -2.08 21.51 -13.25
C PRO B 93 -2.10 20.29 -14.16
N GLY B 94 -2.97 20.31 -15.17
CA GLY B 94 -3.02 19.24 -16.15
C GLY B 94 -4.19 18.30 -15.99
N PHE B 95 -4.76 18.24 -14.79
CA PHE B 95 -5.83 17.28 -14.50
C PHE B 95 -7.04 17.47 -15.40
N THR B 96 -7.48 18.71 -15.58
CA THR B 96 -8.63 19.00 -16.43
C THR B 96 -8.29 18.78 -17.91
N GLY B 97 -7.02 18.54 -18.19
CA GLY B 97 -6.57 18.26 -19.55
C GLY B 97 -6.77 16.81 -19.93
N LEU B 98 -7.07 15.98 -18.95
CA LEU B 98 -7.33 14.57 -19.18
C LEU B 98 -8.76 14.37 -19.63
N THR B 99 -9.03 13.22 -20.24
CA THR B 99 -10.40 12.86 -20.60
C THR B 99 -11.24 12.76 -19.32
N ILE B 100 -12.50 13.15 -19.41
CA ILE B 100 -13.40 13.07 -18.27
C ILE B 100 -13.39 11.65 -17.69
N ALA B 101 -13.31 10.66 -18.57
CA ALA B 101 -13.27 9.26 -18.16
C ALA B 101 -12.07 8.99 -17.25
N ASP B 102 -10.91 9.54 -17.62
CA ASP B 102 -9.70 9.36 -16.84
C ASP B 102 -9.75 10.11 -15.52
N GLN B 103 -10.32 11.31 -15.53
CA GLN B 103 -10.47 12.10 -14.32
C GLN B 103 -11.33 11.35 -13.31
N ILE B 104 -12.41 10.74 -13.79
CA ILE B 104 -13.30 9.95 -12.95
C ILE B 104 -12.61 8.69 -12.46
N THR B 105 -11.87 8.04 -13.35
CA THR B 105 -11.11 6.85 -12.98
C THR B 105 -10.12 7.14 -11.85
N LEU B 106 -9.36 8.23 -12.00
CA LEU B 106 -8.37 8.61 -11.01
C LEU B 106 -9.00 8.97 -9.66
N LEU B 107 -10.08 9.74 -9.71
CA LEU B 107 -10.77 10.14 -8.49
C LEU B 107 -11.35 8.94 -7.73
N LYS B 108 -12.04 8.07 -8.45
CA LYS B 108 -12.62 6.87 -7.85
C LYS B 108 -11.55 5.98 -7.21
N ALA B 109 -10.37 5.94 -7.82
CA ALA B 109 -9.29 5.07 -7.35
C ALA B 109 -8.64 5.58 -6.08
N ALA B 110 -8.60 6.89 -5.90
CA ALA B 110 -7.84 7.50 -4.82
C ALA B 110 -8.67 8.25 -3.78
N CYS B 111 -9.98 8.34 -4.01
CA CYS B 111 -10.85 9.13 -3.14
C CYS B 111 -10.74 8.73 -1.67
N LEU B 112 -10.88 7.43 -1.40
CA LEU B 112 -10.83 6.94 -0.03
C LEU B 112 -9.45 7.16 0.59
N ASP B 113 -8.41 6.94 -0.20
CA ASP B 113 -7.04 7.18 0.24
C ASP B 113 -6.89 8.62 0.73
N ILE B 114 -7.45 9.56 -0.01
CA ILE B 114 -7.33 10.97 0.34
C ILE B 114 -8.20 11.35 1.54
N LEU B 115 -9.38 10.75 1.64
CA LEU B 115 -10.24 10.93 2.80
C LEU B 115 -9.52 10.51 4.08
N ILE B 116 -8.90 9.33 4.03
CA ILE B 116 -8.16 8.80 5.16
C ILE B 116 -7.02 9.73 5.55
N LEU B 117 -6.23 10.14 4.56
CA LEU B 117 -5.11 11.04 4.81
C LEU B 117 -5.62 12.34 5.45
N ARG B 118 -6.69 12.90 4.88
CA ARG B 118 -7.22 14.17 5.37
C ARG B 118 -7.65 14.10 6.84
N ILE B 119 -8.52 13.16 7.17
CA ILE B 119 -9.01 13.04 8.54
C ILE B 119 -7.88 12.72 9.53
N CYS B 120 -6.88 11.98 9.09
CA CYS B 120 -5.76 11.63 9.96
C CYS B 120 -4.84 12.82 10.23
N THR B 121 -4.87 13.80 9.33
CA THR B 121 -4.07 15.00 9.51
CA THR B 121 -4.10 15.02 9.46
C THR B 121 -4.73 15.95 10.50
N ARG B 122 -5.97 15.63 10.88
CA ARG B 122 -6.71 16.42 11.86
C ARG B 122 -6.79 15.70 13.21
N TYR B 123 -5.75 14.94 13.53
CA TYR B 123 -5.71 14.18 14.77
C TYR B 123 -5.02 14.96 15.88
N THR B 124 -5.67 15.02 17.04
CA THR B 124 -5.08 15.67 18.22
C THR B 124 -4.66 14.61 19.22
N PRO B 125 -3.35 14.31 19.28
CA PRO B 125 -2.82 13.18 20.07
C PRO B 125 -3.15 13.23 21.56
N GLU B 126 -3.16 14.42 22.14
CA GLU B 126 -3.40 14.55 23.58
C GLU B 126 -4.79 14.06 23.99
N GLN B 127 -5.80 14.37 23.19
CA GLN B 127 -7.17 13.98 23.50
C GLN B 127 -7.60 12.76 22.69
N ASP B 128 -6.73 12.32 21.79
CA ASP B 128 -7.05 11.15 20.97
C ASP B 128 -8.33 11.42 20.17
N THR B 129 -8.38 12.55 19.47
CA THR B 129 -9.57 12.93 18.71
C THR B 129 -9.26 13.26 17.25
N MET B 130 -10.31 13.31 16.45
CA MET B 130 -10.20 13.76 15.07
C MET B 130 -11.23 14.85 14.79
N THR B 131 -10.83 15.85 14.00
CA THR B 131 -11.68 16.99 13.75
C THR B 131 -12.09 17.08 12.28
N PHE B 132 -13.39 17.23 12.05
CA PHE B 132 -13.93 17.37 10.70
C PHE B 132 -13.87 18.82 10.24
N SER B 133 -14.19 19.05 8.96
CA SER B 133 -14.03 20.37 8.35
C SER B 133 -15.00 21.44 8.86
N ASP B 134 -15.97 21.03 9.67
CA ASP B 134 -16.90 21.99 10.26
C ASP B 134 -16.53 22.26 11.71
N GLY B 135 -15.50 21.58 12.19
CA GLY B 135 -15.02 21.77 13.55
C GLY B 135 -15.39 20.64 14.49
N LEU B 136 -16.38 19.84 14.09
CA LEU B 136 -16.82 18.70 14.90
C LEU B 136 -15.62 17.85 15.32
N THR B 137 -15.53 17.57 16.61
CA THR B 137 -14.38 16.84 17.16
C THR B 137 -14.84 15.64 17.97
N LEU B 138 -14.46 14.44 17.51
CA LEU B 138 -14.87 13.20 18.14
C LEU B 138 -13.69 12.43 18.69
N ASN B 139 -13.89 11.76 19.83
CA ASN B 139 -12.85 10.88 20.37
C ASN B 139 -12.86 9.54 19.65
N ARG B 140 -11.94 8.66 20.02
CA ARG B 140 -11.79 7.38 19.34
C ARG B 140 -13.09 6.57 19.31
N THR B 141 -13.76 6.49 20.46
CA THR B 141 -15.00 5.73 20.56
C THR B 141 -16.09 6.29 19.65
N GLN B 142 -16.17 7.62 19.56
CA GLN B 142 -17.17 8.27 18.73
C GLN B 142 -16.91 8.05 17.24
N MET B 143 -15.63 8.10 16.85
CA MET B 143 -15.26 7.82 15.46
C MET B 143 -15.65 6.39 15.12
N HIS B 144 -15.44 5.48 16.07
CA HIS B 144 -15.86 4.10 15.90
C HIS B 144 -17.36 4.02 15.66
N ASN B 145 -18.14 4.64 16.54
CA ASN B 145 -19.59 4.61 16.44
C ASN B 145 -20.13 5.36 15.24
N ALA B 146 -19.31 6.28 14.70
CA ALA B 146 -19.73 7.11 13.59
C ALA B 146 -19.62 6.36 12.25
N GLY B 147 -18.73 5.38 12.17
CA GLY B 147 -18.58 4.60 10.96
C GLY B 147 -17.31 3.79 10.82
N PHE B 148 -16.26 4.20 11.51
CA PHE B 148 -14.97 3.50 11.43
C PHE B 148 -15.09 2.02 11.76
N GLY B 149 -15.93 1.69 12.74
CA GLY B 149 -16.14 0.31 13.13
C GLY B 149 -14.86 -0.43 13.48
N PRO B 150 -14.70 -1.64 12.94
CA PRO B 150 -13.53 -2.48 13.26
C PRO B 150 -12.21 -1.91 12.74
N LEU B 151 -12.26 -0.87 11.92
CA LEU B 151 -11.04 -0.26 11.38
C LEU B 151 -10.57 0.94 12.21
N THR B 152 -11.26 1.19 13.32
CA THR B 152 -10.95 2.35 14.15
C THR B 152 -9.49 2.43 14.56
N ASP B 153 -8.98 1.39 15.22
CA ASP B 153 -7.61 1.40 15.71
C ASP B 153 -6.58 1.47 14.60
N LEU B 154 -6.89 0.86 13.46
CA LEU B 154 -6.02 0.89 12.30
C LEU B 154 -5.83 2.33 11.81
N VAL B 155 -6.93 3.06 11.68
CA VAL B 155 -6.89 4.43 11.21
C VAL B 155 -6.17 5.34 12.22
N PHE B 156 -6.53 5.19 13.50
CA PHE B 156 -5.89 5.97 14.56
C PHE B 156 -4.39 5.68 14.67
N THR B 157 -4.00 4.44 14.38
CA THR B 157 -2.59 4.07 14.38
C THR B 157 -1.84 4.84 13.30
N PHE B 158 -2.44 4.90 12.11
CA PHE B 158 -1.84 5.64 11.00
C PHE B 158 -1.72 7.13 11.34
N ALA B 159 -2.76 7.67 11.97
CA ALA B 159 -2.75 9.07 12.39
C ALA B 159 -1.57 9.34 13.31
N ASN B 160 -1.36 8.46 14.28
CA ASN B 160 -0.22 8.59 15.17
C ASN B 160 1.12 8.46 14.45
N GLN B 161 1.15 7.62 13.43
CA GLN B 161 2.38 7.39 12.67
C GLN B 161 2.79 8.60 11.83
N LEU B 162 1.82 9.47 11.54
CA LEU B 162 2.09 10.68 10.77
C LEU B 162 2.78 11.75 11.60
N LEU B 163 2.46 11.80 12.89
CA LEU B 163 2.93 12.86 13.78
C LEU B 163 4.43 13.15 13.68
N PRO B 164 5.27 12.10 13.80
CA PRO B 164 6.73 12.31 13.79
C PRO B 164 7.24 12.89 12.47
N LEU B 165 6.44 12.78 11.41
CA LEU B 165 6.85 13.30 10.09
C LEU B 165 6.79 14.82 10.04
N GLU B 166 5.91 15.39 10.86
CA GLU B 166 5.70 16.84 10.88
C GLU B 166 5.41 17.40 9.49
N MET B 167 4.52 16.73 8.76
CA MET B 167 4.12 17.20 7.43
C MET B 167 3.31 18.48 7.55
N ASP B 168 3.44 19.35 6.54
CA ASP B 168 2.67 20.58 6.50
C ASP B 168 1.67 20.53 5.33
N ASP B 169 1.02 21.66 5.08
CA ASP B 169 0.01 21.73 4.02
C ASP B 169 0.58 21.42 2.64
N THR B 170 1.80 21.89 2.38
CA THR B 170 2.45 21.63 1.10
C THR B 170 2.69 20.15 0.88
N GLU B 171 3.28 19.50 1.88
CA GLU B 171 3.60 18.07 1.79
C GLU B 171 2.34 17.21 1.74
N THR B 172 1.36 17.55 2.56
CA THR B 172 0.08 16.84 2.54
C THR B 172 -0.60 17.01 1.19
N GLY B 173 -0.52 18.21 0.63
CA GLY B 173 -1.09 18.50 -0.68
C GLY B 173 -0.38 17.72 -1.77
N LEU B 174 0.95 17.74 -1.75
CA LEU B 174 1.74 17.00 -2.73
C LEU B 174 1.50 15.50 -2.64
N LEU B 175 1.42 14.99 -1.41
CA LEU B 175 1.18 13.57 -1.21
C LEU B 175 -0.19 13.20 -1.77
N SER B 176 -1.19 14.06 -1.55
CA SER B 176 -2.53 13.83 -2.06
C SER B 176 -2.52 13.81 -3.59
N ALA B 177 -1.80 14.76 -4.20
CA ALA B 177 -1.72 14.86 -5.65
C ALA B 177 -1.06 13.65 -6.29
N ILE B 178 0.00 13.16 -5.65
CA ILE B 178 0.73 11.99 -6.14
C ILE B 178 -0.16 10.76 -6.08
N CYS B 179 -0.96 10.67 -5.02
CA CYS B 179 -1.88 9.55 -4.86
CA CYS B 179 -1.91 9.57 -4.84
C CYS B 179 -2.93 9.56 -5.97
N LEU B 180 -3.54 10.71 -6.19
CA LEU B 180 -4.59 10.86 -7.20
C LEU B 180 -4.05 10.66 -8.61
N ILE B 181 -2.98 11.37 -8.93
CA ILE B 181 -2.41 11.33 -10.27
C ILE B 181 -1.48 10.13 -10.42
N CYS B 182 -2.08 8.97 -10.70
CA CYS B 182 -1.35 7.72 -10.79
C CYS B 182 -1.67 7.00 -12.09
N GLY B 183 -0.64 6.76 -12.90
CA GLY B 183 -0.83 6.21 -14.23
C GLY B 183 -1.06 4.71 -14.29
N ASP B 184 -1.00 4.05 -13.13
CA ASP B 184 -1.16 2.60 -13.06
C ASP B 184 -2.60 2.16 -12.86
N ARG B 185 -3.49 3.13 -12.61
CA ARG B 185 -4.89 2.82 -12.37
C ARG B 185 -5.48 2.05 -13.55
N GLN B 186 -6.24 1.00 -13.25
CA GLN B 186 -6.86 0.19 -14.28
C GLN B 186 -7.87 0.98 -15.10
N ASP B 187 -7.89 0.72 -16.40
CA ASP B 187 -8.87 1.31 -17.31
C ASP B 187 -8.61 2.77 -17.68
N LEU B 188 -7.40 3.25 -17.43
CA LEU B 188 -7.01 4.57 -17.89
C LEU B 188 -6.91 4.58 -19.42
N GLU B 189 -7.28 5.69 -20.03
CA GLU B 189 -7.26 5.82 -21.48
C GLU B 189 -5.94 6.39 -21.99
N GLU B 190 -5.39 7.33 -21.22
CA GLU B 190 -4.09 7.93 -21.55
C GLU B 190 -3.15 7.83 -20.37
N PRO B 191 -2.78 6.60 -19.99
CA PRO B 191 -1.98 6.33 -18.79
C PRO B 191 -0.63 7.05 -18.78
N THR B 192 0.01 7.16 -19.94
CA THR B 192 1.31 7.82 -20.02
C THR B 192 1.17 9.32 -19.81
N LYS B 193 0.05 9.86 -20.27
CA LYS B 193 -0.26 11.27 -20.07
C LYS B 193 -0.32 11.55 -18.57
N VAL B 194 -0.93 10.62 -17.84
CA VAL B 194 -1.02 10.72 -16.38
C VAL B 194 0.37 10.62 -15.75
N ASP B 195 1.17 9.67 -16.24
CA ASP B 195 2.53 9.50 -15.75
C ASP B 195 3.32 10.81 -15.85
N LYS B 196 3.17 11.50 -16.97
CA LYS B 196 3.90 12.74 -17.22
C LYS B 196 3.54 13.83 -16.23
N LEU B 197 2.28 13.84 -15.79
CA LEU B 197 1.83 14.81 -14.80
C LEU B 197 2.37 14.51 -13.41
N GLN B 198 2.45 13.21 -13.09
CA GLN B 198 2.88 12.77 -11.77
C GLN B 198 4.35 13.03 -11.52
N GLU B 199 5.17 12.84 -12.55
CA GLU B 199 6.62 12.96 -12.41
C GLU B 199 7.05 14.29 -11.77
N PRO B 200 6.54 15.42 -12.27
CA PRO B 200 6.89 16.70 -11.67
C PRO B 200 6.48 16.79 -10.21
N LEU B 201 5.36 16.16 -9.86
CA LEU B 201 4.87 16.17 -8.48
C LEU B 201 5.85 15.44 -7.56
N LEU B 202 6.35 14.30 -8.03
CA LEU B 202 7.35 13.55 -7.28
C LEU B 202 8.59 14.39 -7.04
N GLU B 203 9.10 15.01 -8.09
CA GLU B 203 10.29 15.85 -8.00
C GLU B 203 10.07 17.03 -7.05
N ALA B 204 8.89 17.63 -7.12
CA ALA B 204 8.56 18.76 -6.26
C ALA B 204 8.61 18.38 -4.80
N LEU B 205 8.03 17.24 -4.46
CA LEU B 205 8.02 16.76 -3.09
C LEU B 205 9.43 16.51 -2.57
N LYS B 206 10.25 15.87 -3.41
CA LYS B 206 11.62 15.54 -3.01
C LYS B 206 12.40 16.81 -2.67
N ILE B 207 12.29 17.81 -3.52
CA ILE B 207 13.02 19.06 -3.33
C ILE B 207 12.50 19.87 -2.14
N TYR B 208 11.18 19.96 -2.01
CA TYR B 208 10.59 20.69 -0.90
C TYR B 208 11.03 20.10 0.44
N ILE B 209 10.98 18.78 0.54
CA ILE B 209 11.42 18.09 1.75
C ILE B 209 12.89 18.39 2.02
N ARG B 210 13.68 18.46 0.95
CA ARG B 210 15.10 18.72 1.05
C ARG B 210 15.40 20.08 1.67
N LYS B 211 14.63 21.09 1.26
CA LYS B 211 14.81 22.44 1.77
C LYS B 211 14.32 22.57 3.21
N ARG B 212 13.08 22.16 3.45
CA ARG B 212 12.52 22.21 4.80
C ARG B 212 13.40 21.46 5.79
N ARG B 213 13.62 20.18 5.53
CA ARG B 213 14.48 19.36 6.37
C ARG B 213 15.84 19.17 5.70
N PRO B 214 16.84 19.93 6.16
CA PRO B 214 18.17 19.88 5.55
C PRO B 214 19.03 18.75 6.13
N SER B 215 18.73 18.32 7.36
CA SER B 215 19.56 17.34 8.05
C SER B 215 18.93 15.94 8.09
N LYS B 216 18.13 15.60 7.09
CA LYS B 216 17.40 14.33 7.10
C LYS B 216 17.02 13.81 5.71
N PRO B 217 18.01 13.52 4.85
CA PRO B 217 17.76 13.10 3.47
C PRO B 217 16.78 11.93 3.37
N HIS B 218 16.67 11.15 4.43
CA HIS B 218 15.86 9.93 4.45
C HIS B 218 14.35 10.18 4.42
N MET B 219 13.94 11.43 4.59
CA MET B 219 12.54 11.78 4.74
C MET B 219 11.70 11.59 3.48
N PHE B 220 12.30 11.79 2.31
CA PHE B 220 11.57 11.67 1.05
C PHE B 220 10.91 10.29 0.88
N PRO B 221 11.72 9.22 0.91
CA PRO B 221 11.11 7.89 0.79
C PRO B 221 10.18 7.58 1.96
N LYS B 222 10.55 8.04 3.15
CA LYS B 222 9.74 7.81 4.34
C LYS B 222 8.32 8.32 4.15
N ILE B 223 8.20 9.57 3.72
CA ILE B 223 6.90 10.20 3.52
C ILE B 223 6.18 9.61 2.32
N LEU B 224 6.92 9.43 1.23
CA LEU B 224 6.34 8.92 0.00
C LEU B 224 5.67 7.56 0.23
N MET B 225 6.26 6.78 1.13
CA MET B 225 5.77 5.44 1.42
C MET B 225 4.55 5.39 2.32
N LYS B 226 4.13 6.56 2.83
CA LYS B 226 2.89 6.62 3.59
C LYS B 226 1.74 6.32 2.64
N ILE B 227 1.99 6.49 1.35
CA ILE B 227 1.03 6.13 0.32
C ILE B 227 0.78 4.61 0.35
N THR B 228 1.82 3.84 0.62
CA THR B 228 1.65 2.38 0.69
C THR B 228 0.78 2.01 1.89
N ASP B 229 1.03 2.65 3.03
CA ASP B 229 0.20 2.47 4.22
C ASP B 229 -1.24 2.81 3.88
N LEU B 230 -1.41 3.96 3.25
CA LEU B 230 -2.73 4.44 2.86
CA LEU B 230 -2.72 4.44 2.85
C LEU B 230 -3.46 3.41 2.00
N ARG B 231 -2.75 2.81 1.05
CA ARG B 231 -3.34 1.84 0.14
C ARG B 231 -3.86 0.62 0.90
N SER B 232 -3.09 0.15 1.87
CA SER B 232 -3.49 -0.98 2.69
CA SER B 232 -3.49 -0.98 2.69
C SER B 232 -4.79 -0.66 3.42
N ILE B 233 -4.86 0.55 3.98
CA ILE B 233 -6.03 0.96 4.74
C ILE B 233 -7.27 1.16 3.86
N SER B 234 -7.10 1.79 2.70
CA SER B 234 -8.22 2.04 1.80
CA SER B 234 -8.21 2.04 1.80
C SER B 234 -8.76 0.76 1.19
N ALA B 235 -7.89 -0.22 0.96
CA ALA B 235 -8.32 -1.50 0.43
C ALA B 235 -9.27 -2.18 1.42
N LYS B 236 -8.90 -2.15 2.71
CA LYS B 236 -9.76 -2.68 3.75
C LYS B 236 -10.95 -1.76 3.98
N GLY B 237 -10.73 -0.47 3.83
CA GLY B 237 -11.78 0.52 4.00
C GLY B 237 -12.91 0.36 3.01
N ALA B 238 -12.56 -0.05 1.79
CA ALA B 238 -13.56 -0.27 0.75
C ALA B 238 -14.55 -1.35 1.19
N GLU B 239 -14.05 -2.33 1.93
CA GLU B 239 -14.87 -3.42 2.45
C GLU B 239 -15.77 -2.90 3.56
N ARG B 240 -15.23 -1.98 4.36
CA ARG B 240 -15.99 -1.36 5.45
C ARG B 240 -17.18 -0.57 4.92
N VAL B 241 -17.00 0.07 3.77
CA VAL B 241 -18.09 0.83 3.15
C VAL B 241 -19.22 -0.08 2.70
N ILE B 242 -18.86 -1.28 2.23
CA ILE B 242 -19.86 -2.26 1.83
C ILE B 242 -20.68 -2.70 3.04
N THR B 243 -19.98 -3.00 4.13
CA THR B 243 -20.62 -3.41 5.37
C THR B 243 -21.58 -2.34 5.88
N LEU B 244 -21.20 -1.08 5.76
CA LEU B 244 -22.03 0.03 6.20
C LEU B 244 -23.39 0.06 5.50
N LYS B 245 -23.40 -0.35 4.22
CA LYS B 245 -24.65 -0.39 3.45
C LYS B 245 -25.72 -1.22 4.16
N MET B 246 -25.29 -2.24 4.88
CA MET B 246 -26.22 -3.16 5.55
C MET B 246 -26.70 -2.63 6.90
N GLU B 247 -25.96 -1.67 7.46
CA GLU B 247 -26.24 -1.18 8.80
C GLU B 247 -27.04 0.12 8.80
N ILE B 248 -26.80 0.95 7.79
CA ILE B 248 -27.42 2.28 7.74
C ILE B 248 -28.85 2.23 7.24
N PRO B 249 -29.69 3.13 7.76
CA PRO B 249 -31.07 3.28 7.28
C PRO B 249 -31.08 3.97 5.92
N GLY B 250 -31.78 3.39 4.96
CA GLY B 250 -31.83 3.97 3.62
C GLY B 250 -30.57 3.71 2.83
N SER B 251 -30.34 4.51 1.80
CA SER B 251 -29.21 4.31 0.90
C SER B 251 -28.01 5.19 1.25
N MET B 252 -26.84 4.76 0.77
CA MET B 252 -25.63 5.55 0.90
C MET B 252 -25.80 6.81 0.04
N PRO B 253 -25.36 7.97 0.57
CA PRO B 253 -25.43 9.20 -0.24
C PRO B 253 -24.91 8.96 -1.66
N PRO B 254 -25.59 9.51 -2.66
CA PRO B 254 -25.33 9.23 -4.08
C PRO B 254 -23.88 9.48 -4.52
N LEU B 255 -23.26 10.55 -4.02
CA LEU B 255 -21.90 10.87 -4.42
C LEU B 255 -20.90 9.84 -3.88
N ILE B 256 -21.13 9.39 -2.64
CA ILE B 256 -20.31 8.35 -2.04
C ILE B 256 -20.45 7.06 -2.85
N GLN B 257 -21.68 6.80 -3.31
CA GLN B 257 -21.95 5.61 -4.12
C GLN B 257 -21.16 5.65 -5.42
N GLU B 258 -21.12 6.80 -6.07
CA GLU B 258 -20.40 6.94 -7.33
C GLU B 258 -18.90 6.71 -7.16
N MET B 259 -18.34 7.22 -6.06
CA MET B 259 -16.91 7.09 -5.80
C MET B 259 -16.50 5.66 -5.44
N MET B 260 -17.39 4.96 -4.74
CA MET B 260 -17.09 3.62 -4.26
C MET B 260 -17.70 2.54 -5.14
N GLU B 261 -18.51 2.95 -6.10
CA GLU B 261 -19.13 2.01 -7.03
C GLU B 261 -18.05 1.30 -7.83
N HIS C 2 -22.00 8.11 -13.96
CA HIS C 2 -21.45 8.99 -12.93
C HIS C 2 -21.97 10.40 -13.11
N LYS C 3 -23.28 10.57 -12.97
CA LYS C 3 -23.93 11.86 -13.18
C LYS C 3 -23.34 12.98 -12.32
N ILE C 4 -23.26 12.77 -11.01
CA ILE C 4 -22.74 13.78 -10.11
C ILE C 4 -21.29 14.16 -10.46
N LEU C 5 -20.41 13.16 -10.48
CA LEU C 5 -19.01 13.39 -10.81
C LEU C 5 -18.86 14.09 -12.15
N HIS C 6 -19.64 13.67 -13.13
CA HIS C 6 -19.55 14.25 -14.46
C HIS C 6 -19.87 15.73 -14.43
N ARG C 7 -20.96 16.08 -13.75
CA ARG C 7 -21.37 17.47 -13.62
C ARG C 7 -20.33 18.29 -12.87
N LEU C 8 -19.86 17.76 -11.74
CA LEU C 8 -18.87 18.45 -10.92
C LEU C 8 -17.57 18.69 -11.70
N LEU C 9 -17.22 17.74 -12.57
CA LEU C 9 -16.00 17.85 -13.36
C LEU C 9 -16.17 18.79 -14.55
N GLN C 10 -17.37 18.82 -15.11
CA GLN C 10 -17.67 19.69 -16.23
C GLN C 10 -18.39 20.95 -15.77
N HIS D 2 -0.17 -22.62 17.27
CA HIS D 2 0.78 -23.30 16.39
C HIS D 2 2.22 -23.16 16.89
N LYS D 3 3.07 -24.09 16.47
CA LYS D 3 4.45 -24.11 16.95
C LYS D 3 5.47 -24.08 15.81
N ILE D 4 4.99 -24.18 14.58
CA ILE D 4 5.87 -24.29 13.41
C ILE D 4 6.76 -23.06 13.19
N LEU D 5 6.16 -21.88 13.18
CA LEU D 5 6.92 -20.66 12.88
C LEU D 5 8.06 -20.44 13.86
N HIS D 6 7.80 -20.65 15.15
CA HIS D 6 8.85 -20.50 16.16
C HIS D 6 9.96 -21.54 15.98
N ARG D 7 9.59 -22.77 15.66
CA ARG D 7 10.59 -23.80 15.37
C ARG D 7 11.44 -23.41 14.16
N LEU D 8 10.79 -22.93 13.10
CA LEU D 8 11.49 -22.46 11.91
C LEU D 8 12.45 -21.32 12.24
N LEU D 9 11.99 -20.39 13.07
CA LEU D 9 12.82 -19.27 13.51
C LEU D 9 14.03 -19.77 14.27
N GLN D 10 13.78 -20.61 15.27
CA GLN D 10 14.84 -21.07 16.15
C GLN D 10 15.84 -21.95 15.41
N GLU D 11 15.34 -22.80 14.52
CA GLU D 11 16.23 -23.68 13.75
C GLU D 11 16.89 -22.90 12.63
CAM JYI E . -3.22 -19.08 -0.63
CAJ JYI E . -2.88 -19.93 0.41
CAI JYI E . -1.79 -19.62 1.20
CAK JYI E . -1.02 -18.47 1.01
CAN JYI E . -1.35 -17.62 -0.03
CAY JYI E . -2.43 -17.94 -0.86
CAV JYI E . -2.78 -17.12 -1.91
CBB JYI E . -1.82 -16.48 -2.78
CAS JYI E . -0.53 -16.99 -2.94
CAH JYI E . -4.15 -16.98 -2.14
CAT JYI E . -4.60 -16.10 -3.10
CBD JYI E . -3.67 -14.85 -3.30
CAA JYI E . -3.76 -13.89 -2.15
CAB JYI E . -4.22 -14.18 -4.57
CBC JYI E . -2.21 -15.33 -3.48
CAQ JYI E . -1.28 -14.69 -4.30
CAL JYI E . -0.02 -15.25 -4.44
CAW JYI E . 0.39 -16.36 -3.76
CAF JYI E . 1.70 -16.88 -3.97
CAG JYI E . 2.10 -18.18 -3.68
CBA JYI E . 3.39 -18.71 -4.05
CAP JYI E . 4.51 -17.93 -4.35
CAO JYI E . 5.76 -18.51 -4.72
CAZ JYI E . 5.91 -19.90 -4.82
CAU JYI E . 7.24 -20.60 -5.26
OAD JYI E . 7.23 -21.85 -5.41
OAC JYI E . 8.25 -19.93 -5.47
CAR JYI E . 4.83 -20.72 -4.48
CAX JYI E . 3.59 -20.11 -4.14
CL JYI E . 2.22 -21.11 -3.84
CAM JYI F . -17.37 5.60 5.33
CAJ JYI F . -18.54 6.09 4.72
CAI JYI F . -18.52 6.97 3.64
CAK JYI F . -17.28 7.37 3.11
CAN JYI F . -16.11 6.88 3.73
CAY JYI F . -16.15 6.03 4.87
CAV JYI F . -14.96 5.50 5.41
CBB JYI F . -13.88 6.28 5.90
CAS JYI F . -13.88 7.71 5.84
CAH JYI F . -14.66 4.13 5.09
CAT JYI F . -13.49 3.38 5.35
CBD JYI F . -12.70 3.99 6.52
CAA JYI F . -11.25 3.45 6.49
CAB JYI F . -13.25 3.62 7.88
CBC JYI F . -12.77 5.59 6.45
CAQ JYI F . -11.68 6.33 6.95
CAL JYI F . -11.67 7.74 6.85
CAW JYI F . -12.77 8.44 6.33
CAF JYI F . -12.72 9.89 6.29
CAG JYI F . -13.85 10.69 6.11
CBA JYI F . -13.74 12.11 6.21
CAP JYI F . -12.54 12.81 5.99
CAO JYI F . -12.49 14.24 6.14
CAZ JYI F . -13.68 14.90 6.50
CAU JYI F . -13.67 16.42 6.73
OAD JYI F . -12.57 17.00 6.60
OAC JYI F . -14.70 16.92 7.24
CAR JYI F . -14.86 14.19 6.73
CAX JYI F . -14.90 12.80 6.60
CL JYI F . -16.41 11.95 6.88
CAC FLC G . 1.87 -31.23 15.28
CA FLC G . 3.04 -30.33 14.79
CB FLC G . 2.90 -28.86 15.19
CBC FLC G . 4.29 -28.62 14.57
CG FLC G . 1.62 -28.68 14.35
CGC FLC G . 1.22 -27.20 14.49
OA1 FLC G . 0.92 -31.43 14.50
OA2 FLC G . 2.01 -31.74 16.42
OB1 FLC G . 5.21 -28.38 15.36
OB2 FLC G . 4.38 -28.70 13.32
OG1 FLC G . 2.03 -26.44 15.07
OG2 FLC G . 0.11 -26.86 14.04
OHB FLC G . 2.79 -29.33 16.54
#